data_2HEW
#
_entry.id   2HEW
#
_cell.length_a   74.149
_cell.length_b   74.149
_cell.length_c   48.815
_cell.angle_alpha   90.00
_cell.angle_beta   90.00
_cell.angle_gamma   120.00
#
_symmetry.space_group_name_H-M   'P 63'
#
loop_
_entity.id
_entity.type
_entity.pdbx_description
1 polymer 'Tumor necrosis factor ligand superfamily member 4'
2 non-polymer 2-acetamido-2-deoxy-beta-D-glucopyranose
3 non-polymer 'SULFATE ION'
4 water water
#
_entity_poly.entity_id   1
_entity_poly.type   'polypeptide(L)'
_entity_poly.pdbx_seq_one_letter_code
;GSHMSSSPAKDPPIQRLRGAVTRCEDGQLFISSYKNEYQTMEVQNNSVVIKCDGLYIIYLKGSFFQEVKIDLHFREDHNP
ISIPMLNDGRRIVFTVVASLAFKDKVYLTVNAPDTLCEHLQINDGELIVVQLTPGYCAPEGSYHSTVNQVPL
;
_entity_poly.pdbx_strand_id   F
#
# COMPACT_ATOMS: atom_id res chain seq x y z
N PRO A 12 2.93 21.61 7.20
CA PRO A 12 2.99 20.22 7.65
C PRO A 12 4.33 19.53 7.35
N PRO A 13 4.62 18.43 8.05
CA PRO A 13 5.88 17.72 7.83
C PRO A 13 5.85 16.93 6.52
N ILE A 14 7.02 16.48 6.08
CA ILE A 14 7.06 15.52 4.97
C ILE A 14 6.08 14.39 5.29
N GLN A 15 5.25 14.05 4.31
CA GLN A 15 4.21 13.06 4.53
C GLN A 15 4.77 11.67 4.35
N ARG A 16 4.60 10.83 5.38
CA ARG A 16 5.00 9.44 5.26
C ARG A 16 4.19 8.53 6.15
N LEU A 17 4.13 7.28 5.72
CA LEU A 17 3.54 6.23 6.51
C LEU A 17 4.27 4.94 6.18
N ARG A 18 4.61 4.17 7.21
CA ARG A 18 5.11 2.81 7.02
C ARG A 18 4.17 1.89 7.76
N GLY A 19 3.41 1.10 7.02
CA GLY A 19 2.38 0.25 7.60
C GLY A 19 2.69 -1.22 7.47
N ALA A 20 2.15 -2.00 8.39
CA ALA A 20 2.24 -3.45 8.30
C ALA A 20 1.13 -3.91 7.37
N VAL A 21 1.46 -4.81 6.47
CA VAL A 21 0.47 -5.43 5.59
C VAL A 21 0.28 -6.81 6.17
N THR A 22 -0.85 -7.01 6.85
CA THR A 22 -0.97 -8.07 7.85
C THR A 22 -1.66 -9.35 7.38
N ARG A 23 -2.67 -9.18 6.52
CA ARG A 23 -3.54 -10.27 6.11
C ARG A 23 -4.45 -9.80 4.98
N CYS A 24 -5.23 -10.74 4.43
CA CYS A 24 -6.23 -10.46 3.42
C CYS A 24 -7.61 -10.85 3.96
N GLU A 25 -8.59 -9.99 3.78
CA GLU A 25 -9.99 -10.33 4.05
C GLU A 25 -10.87 -9.70 2.99
N ASP A 26 -11.81 -10.49 2.47
CA ASP A 26 -12.76 -10.03 1.45
C ASP A 26 -12.07 -9.33 0.28
N GLY A 27 -10.91 -9.85 -0.13
CA GLY A 27 -10.21 -9.33 -1.30
C GLY A 27 -9.38 -8.09 -1.08
N GLN A 28 -9.25 -7.64 0.17
CA GLN A 28 -8.45 -6.47 0.49
C GLN A 28 -7.36 -6.83 1.48
N LEU A 29 -6.15 -6.32 1.23
CA LEU A 29 -5.07 -6.47 2.19
C LEU A 29 -5.24 -5.43 3.28
N PHE A 30 -5.10 -5.89 4.52
CA PHE A 30 -5.20 -5.00 5.67
C PHE A 30 -3.88 -4.28 5.87
N ILE A 31 -3.99 -3.01 6.26
CA ILE A 31 -2.83 -2.15 6.49
C ILE A 31 -2.97 -1.57 7.88
N SER A 32 -1.93 -1.74 8.69
CA SER A 32 -1.88 -1.30 10.08
C SER A 32 -0.76 -0.29 10.25
N SER A 33 -1.01 0.76 11.05
CA SER A 33 0.06 1.72 11.36
C SER A 33 0.98 1.24 12.49
N TYR A 34 0.81 0.00 12.96
CA TYR A 34 1.65 -0.58 14.03
C TYR A 34 3.02 -0.98 13.51
N LYS A 35 3.88 0.03 13.39
CA LYS A 35 5.28 -0.13 13.04
C LYS A 35 6.07 0.88 13.85
N ASN A 36 7.36 0.62 14.04
CA ASN A 36 8.22 1.59 14.71
C ASN A 36 8.63 2.70 13.76
N GLU A 37 7.66 3.56 13.46
CA GLU A 37 7.85 4.64 12.52
C GLU A 37 7.04 5.83 13.00
N TYR A 38 7.61 7.02 12.86
CA TYR A 38 6.86 8.24 13.07
C TYR A 38 5.97 8.45 11.84
N GLN A 39 4.66 8.28 12.05
CA GLN A 39 3.68 8.37 10.97
C GLN A 39 3.16 9.79 10.89
N THR A 40 3.08 10.33 9.68
CA THR A 40 2.46 11.64 9.48
C THR A 40 1.25 11.58 8.56
N MET A 41 0.83 10.37 8.17
CA MET A 41 -0.44 10.15 7.47
C MET A 41 -1.29 9.14 8.24
N GLU A 42 -2.61 9.20 8.03
CA GLU A 42 -3.54 8.29 8.69
C GLU A 42 -3.87 7.10 7.80
N VAL A 43 -4.16 5.97 8.46
CA VAL A 43 -4.79 4.84 7.80
C VAL A 43 -6.25 4.80 8.23
N GLN A 44 -7.15 4.72 7.26
CA GLN A 44 -8.58 4.66 7.50
C GLN A 44 -9.14 3.53 6.65
N ASN A 45 -9.80 2.57 7.28
CA ASN A 45 -10.39 1.44 6.58
C ASN A 45 -9.38 0.78 5.63
N ASN A 46 -8.18 0.53 6.15
CA ASN A 46 -7.13 -0.16 5.42
C ASN A 46 -6.66 0.55 4.15
N SER A 47 -6.83 1.87 4.14
CA SER A 47 -6.29 2.74 3.09
C SER A 47 -5.46 3.85 3.70
N VAL A 48 -4.38 4.20 3.03
CA VAL A 48 -3.58 5.34 3.44
C VAL A 48 -4.24 6.59 2.85
N VAL A 49 -4.54 7.55 3.72
CA VAL A 49 -5.29 8.75 3.35
C VAL A 49 -4.32 9.87 2.99
N ILE A 50 -4.35 10.30 1.72
CA ILE A 50 -3.48 11.37 1.28
C ILE A 50 -4.09 12.71 1.62
N LYS A 51 -3.31 13.56 2.29
CA LYS A 51 -3.75 14.91 2.63
C LYS A 51 -3.03 16.00 1.85
N CYS A 52 -1.79 15.72 1.43
CA CYS A 52 -0.97 16.69 0.72
C CYS A 52 -0.58 16.19 -0.67
N ASP A 53 -0.66 17.08 -1.65
CA ASP A 53 -0.22 16.75 -3.01
C ASP A 53 1.28 16.53 -3.02
N GLY A 54 1.72 15.70 -3.95
CA GLY A 54 3.14 15.56 -4.21
C GLY A 54 3.44 14.33 -5.05
N LEU A 55 4.68 14.24 -5.51
CA LEU A 55 5.20 12.96 -5.97
C LEU A 55 5.54 12.16 -4.73
N TYR A 56 5.09 10.90 -4.71
CA TYR A 56 5.38 9.99 -3.61
C TYR A 56 6.00 8.70 -4.14
N ILE A 57 6.89 8.11 -3.35
CA ILE A 57 7.19 6.69 -3.54
C ILE A 57 6.18 5.85 -2.79
N ILE A 58 5.76 4.77 -3.44
CA ILE A 58 4.93 3.74 -2.83
C ILE A 58 5.74 2.46 -3.00
N TYR A 59 6.03 1.81 -1.88
CA TYR A 59 6.92 0.65 -1.84
C TYR A 59 6.21 -0.44 -1.07
N LEU A 60 6.20 -1.64 -1.65
CA LEU A 60 5.60 -2.81 -1.01
C LEU A 60 6.63 -3.91 -0.94
N LYS A 61 6.74 -4.51 0.24
CA LYS A 61 7.61 -5.66 0.47
C LYS A 61 6.83 -6.70 1.25
N GLY A 62 7.08 -7.96 0.93
CA GLY A 62 6.56 -9.03 1.77
C GLY A 62 6.87 -10.39 1.22
N SER A 63 6.77 -11.39 2.09
CA SER A 63 6.92 -12.77 1.71
C SER A 63 5.51 -13.34 1.77
N PHE A 64 5.01 -13.73 0.60
CA PHE A 64 3.62 -14.09 0.43
C PHE A 64 3.63 -15.57 0.10
N PHE A 65 2.89 -16.36 0.87
CA PHE A 65 2.98 -17.82 0.78
C PHE A 65 1.95 -18.45 -0.17
N GLN A 66 1.30 -17.61 -0.97
CA GLN A 66 0.67 -18.06 -2.21
C GLN A 66 1.21 -17.15 -3.31
N GLU A 67 1.33 -17.66 -4.53
CA GLU A 67 1.59 -16.82 -5.69
C GLU A 67 0.38 -15.93 -5.83
N VAL A 68 0.58 -14.63 -5.79
CA VAL A 68 -0.51 -13.68 -5.60
C VAL A 68 -0.55 -12.65 -6.71
N LYS A 69 -1.77 -12.23 -7.04
CA LYS A 69 -2.02 -11.13 -7.95
C LYS A 69 -2.60 -9.99 -7.13
N ILE A 70 -1.71 -9.08 -6.71
CA ILE A 70 -2.10 -7.92 -5.91
C ILE A 70 -2.17 -6.69 -6.80
N ASP A 71 -3.23 -5.90 -6.62
CA ASP A 71 -3.39 -4.62 -7.32
C ASP A 71 -3.19 -3.47 -6.34
N LEU A 72 -2.33 -2.52 -6.74
CA LEU A 72 -2.12 -1.28 -6.00
C LEU A 72 -3.02 -0.17 -6.56
N HIS A 73 -3.92 0.31 -5.71
CA HIS A 73 -4.81 1.41 -6.03
C HIS A 73 -4.27 2.66 -5.37
N PHE A 74 -4.13 3.74 -6.14
CA PHE A 74 -3.53 4.96 -5.62
C PHE A 74 -4.28 6.24 -6.02
N ARG A 75 -5.03 6.18 -7.12
CA ARG A 75 -5.87 7.31 -7.52
C ARG A 75 -6.96 6.79 -8.46
N GLU A 76 -8.18 7.28 -8.25
CA GLU A 76 -9.37 6.73 -8.93
C GLU A 76 -9.41 6.97 -10.43
N ASP A 77 -8.66 7.97 -10.91
CA ASP A 77 -8.62 8.31 -12.33
C ASP A 77 -7.52 7.58 -13.13
N HIS A 78 -6.78 6.68 -12.48
CA HIS A 78 -5.83 5.81 -13.18
C HIS A 78 -6.12 4.35 -12.81
N ASN A 79 -5.74 3.43 -13.69
CA ASN A 79 -5.90 2.00 -13.40
C ASN A 79 -4.99 1.59 -12.24
N PRO A 80 -5.40 0.58 -11.46
CA PRO A 80 -4.48 0.06 -10.46
C PRO A 80 -3.29 -0.60 -11.13
N ILE A 81 -2.17 -0.63 -10.44
CA ILE A 81 -0.97 -1.28 -10.93
C ILE A 81 -0.95 -2.70 -10.40
N SER A 82 -0.85 -3.66 -11.29
CA SER A 82 -0.68 -5.07 -10.91
C SER A 82 0.76 -5.26 -10.43
N ILE A 83 0.92 -5.72 -9.21
CA ILE A 83 2.24 -5.83 -8.58
C ILE A 83 2.88 -7.16 -8.96
N PRO A 84 4.07 -7.12 -9.57
CA PRO A 84 4.78 -8.35 -9.90
C PRO A 84 5.45 -8.95 -8.68
N MET A 85 5.57 -10.27 -8.66
CA MET A 85 6.39 -10.93 -7.66
C MET A 85 7.80 -11.06 -8.19
N LEU A 86 8.75 -11.27 -7.29
CA LEU A 86 10.10 -11.62 -7.68
C LEU A 86 10.07 -13.02 -8.31
N ASN A 87 11.14 -13.39 -8.99
CA ASN A 87 11.17 -14.64 -9.77
C ASN A 87 10.96 -15.92 -8.96
N ASP A 88 11.19 -15.87 -7.65
CA ASP A 88 10.94 -17.03 -6.79
C ASP A 88 9.47 -17.34 -6.55
N GLY A 89 8.58 -16.40 -6.90
CA GLY A 89 7.14 -16.60 -6.73
C GLY A 89 6.68 -16.54 -5.28
N ARG A 90 7.53 -16.00 -4.41
CA ARG A 90 7.28 -15.99 -2.97
C ARG A 90 7.43 -14.61 -2.34
N ARG A 91 8.17 -13.71 -2.98
CA ARG A 91 8.41 -12.39 -2.43
C ARG A 91 7.95 -11.30 -3.38
N ILE A 92 7.60 -10.16 -2.78
CA ILE A 92 7.39 -8.91 -3.49
C ILE A 92 8.34 -7.89 -2.88
N VAL A 93 9.06 -7.16 -3.74
CA VAL A 93 9.81 -5.97 -3.34
C VAL A 93 9.67 -5.01 -4.52
N PHE A 94 8.73 -4.08 -4.41
CA PHE A 94 8.25 -3.32 -5.58
C PHE A 94 8.15 -1.84 -5.25
N THR A 95 8.65 -1.00 -6.15
CA THR A 95 8.67 0.44 -5.99
C THR A 95 7.94 1.12 -7.14
N VAL A 96 7.06 2.04 -6.77
CA VAL A 96 6.33 2.89 -7.70
C VAL A 96 6.58 4.33 -7.29
N VAL A 97 6.63 5.24 -8.26
CA VAL A 97 6.57 6.66 -8.00
C VAL A 97 5.28 7.17 -8.64
N ALA A 98 4.51 7.95 -7.89
CA ALA A 98 3.22 8.38 -8.37
C ALA A 98 2.90 9.78 -7.90
N SER A 99 1.98 10.43 -8.61
CA SER A 99 1.54 11.77 -8.30
C SER A 99 0.21 11.69 -7.56
N LEU A 100 0.25 11.99 -6.26
CA LEU A 100 -0.91 11.83 -5.40
C LEU A 100 -1.45 13.20 -4.99
N ALA A 101 -2.72 13.21 -4.62
CA ALA A 101 -3.40 14.45 -4.26
C ALA A 101 -4.35 14.19 -3.11
N PHE A 102 -4.70 15.28 -2.42
CA PHE A 102 -5.74 15.23 -1.39
C PHE A 102 -6.92 14.40 -1.86
N LYS A 103 -7.35 13.49 -0.99
CA LYS A 103 -8.51 12.60 -1.18
C LYS A 103 -8.18 11.26 -1.83
N ASP A 104 -6.96 11.12 -2.35
CA ASP A 104 -6.50 9.84 -2.85
C ASP A 104 -6.41 8.87 -1.66
N LYS A 105 -6.69 7.60 -1.93
CA LYS A 105 -6.61 6.52 -0.95
C LYS A 105 -5.69 5.46 -1.55
N VAL A 106 -4.63 5.12 -0.84
CA VAL A 106 -3.71 4.09 -1.30
C VAL A 106 -4.12 2.79 -0.61
N TYR A 107 -4.47 1.79 -1.40
CA TYR A 107 -4.88 0.50 -0.83
C TYR A 107 -4.53 -0.65 -1.77
N LEU A 108 -4.70 -1.87 -1.26
CA LEU A 108 -4.20 -3.06 -1.93
C LEU A 108 -5.32 -4.07 -1.98
N THR A 109 -5.59 -4.62 -3.17
CA THR A 109 -6.57 -5.68 -3.30
C THR A 109 -5.95 -6.93 -3.89
N VAL A 110 -6.62 -8.05 -3.68
CA VAL A 110 -6.16 -9.35 -4.13
C VAL A 110 -7.18 -9.89 -5.11
N ASN A 111 -6.73 -10.27 -6.29
CA ASN A 111 -7.59 -10.89 -7.28
C ASN A 111 -7.42 -12.39 -7.13
N ALA A 112 -8.30 -13.01 -6.33
CA ALA A 112 -8.24 -14.44 -6.07
C ALA A 112 -9.55 -14.92 -5.43
N PRO A 113 -9.83 -16.24 -5.54
CA PRO A 113 -10.94 -16.81 -4.79
C PRO A 113 -10.81 -16.46 -3.31
N ASP A 114 -11.94 -16.21 -2.64
CA ASP A 114 -11.86 -15.68 -1.28
C ASP A 114 -11.20 -16.66 -0.30
N THR A 115 -11.33 -17.96 -0.53
CA THR A 115 -10.65 -18.94 0.32
C THR A 115 -9.14 -18.69 0.35
N LEU A 116 -8.56 -18.44 -0.82
CA LEU A 116 -7.13 -18.16 -0.90
C LEU A 116 -6.82 -16.87 -0.13
N CYS A 117 -7.66 -15.85 -0.28
CA CYS A 117 -7.48 -14.61 0.45
C CYS A 117 -7.49 -14.81 1.96
N GLU A 118 -8.51 -15.51 2.48
CA GLU A 118 -8.66 -15.66 3.93
C GLU A 118 -7.50 -16.45 4.54
N HIS A 119 -6.92 -17.37 3.77
CA HIS A 119 -5.82 -18.20 4.23
C HIS A 119 -4.42 -17.61 3.99
N LEU A 120 -4.34 -16.53 3.23
CA LEU A 120 -3.04 -15.99 2.81
C LEU A 120 -2.21 -15.56 4.01
N GLN A 121 -1.00 -16.12 4.11
CA GLN A 121 -0.01 -15.70 5.08
C GLN A 121 0.94 -14.70 4.44
N ILE A 122 1.14 -13.57 5.11
CA ILE A 122 2.10 -12.56 4.70
C ILE A 122 3.11 -12.36 5.83
N ASN A 123 4.36 -12.69 5.56
CA ASN A 123 5.45 -12.50 6.52
C ASN A 123 6.15 -11.19 6.23
N ASP A 124 6.34 -10.39 7.28
CA ASP A 124 7.12 -9.16 7.20
C ASP A 124 6.61 -8.25 6.08
N GLY A 125 5.29 -8.18 5.92
CA GLY A 125 4.69 -7.33 4.90
C GLY A 125 4.68 -5.89 5.34
N GLU A 126 5.10 -5.00 4.46
CA GLU A 126 5.00 -3.59 4.75
C GLU A 126 4.79 -2.74 3.51
N LEU A 127 4.06 -1.65 3.71
CA LEU A 127 3.79 -0.66 2.69
C LEU A 127 4.37 0.65 3.19
N ILE A 128 5.19 1.28 2.36
CA ILE A 128 5.76 2.58 2.68
C ILE A 128 5.28 3.56 1.63
N VAL A 129 4.68 4.65 2.11
CA VAL A 129 4.26 5.75 1.26
C VAL A 129 5.00 6.99 1.75
N VAL A 130 5.81 7.60 0.89
CA VAL A 130 6.65 8.72 1.32
C VAL A 130 6.71 9.83 0.28
N GLN A 131 6.45 11.05 0.73
CA GLN A 131 6.39 12.22 -0.13
C GLN A 131 7.79 12.67 -0.53
N LEU A 132 7.98 12.92 -1.83
CA LEU A 132 9.25 13.41 -2.37
C LEU A 132 9.24 14.88 -2.72
N THR A 133 8.07 15.43 -3.03
CA THR A 133 7.96 16.84 -3.37
C THR A 133 6.79 17.44 -2.61
N PRO A 134 6.90 18.71 -2.24
CA PRO A 134 5.85 19.37 -1.49
C PRO A 134 4.65 19.75 -2.37
N GLY A 135 3.52 19.95 -1.73
CA GLY A 135 2.33 20.38 -2.45
C GLY A 135 1.29 20.89 -1.49
N TYR A 136 0.16 21.31 -2.05
CA TYR A 136 -0.93 21.80 -1.27
C TYR A 136 -1.37 20.74 -0.26
N CYS A 137 -1.59 21.16 0.99
CA CYS A 137 -2.16 20.27 2.02
C CYS A 137 -3.54 20.75 2.40
N ALA A 138 -4.48 19.83 2.51
CA ALA A 138 -5.82 20.13 2.99
C ALA A 138 -5.76 20.56 4.45
N PRO A 139 -6.61 21.53 4.85
CA PRO A 139 -6.73 21.93 6.25
C PRO A 139 -6.94 20.77 7.23
#